data_3QP4
#
_entry.id   3QP4
#
_cell.length_a   55.196
_cell.length_b   56.216
_cell.length_c   124.944
_cell.angle_alpha   90.00
_cell.angle_beta   90.00
_cell.angle_gamma   90.00
#
_symmetry.space_group_name_H-M   'I 2 2 2'
#
loop_
_entity.id
_entity.type
_entity.pdbx_description
1 polymer 'CviR transcriptional regulator'
2 non-polymer N-[(3S)-2-oxotetrahydrofuran-3-yl]decanamide
3 water water
#
_entity_poly.entity_id   1
_entity_poly.type   'polypeptide(L)'
_entity_poly.pdbx_seq_one_letter_code
;GSHMRPLPAGLTASQQWTLLEWIHMAGHIETENELKAFLDQVLSQAPSERLLLALGRLNNQNQIQRLERVLNVSYPSDWL
DQYMKENYAQHDPILRIHLGQGPVMWEERFNRAKGAEEKRFIAEATQNGMGSGITFSAASERNNIGSILSIAGREPGRNA
ALVAMLNCLTPHLHQAAIRVAN
;
_entity_poly.pdbx_strand_id   A
#
# COMPACT_ATOMS: atom_id res chain seq x y z
N MET A 4 -7.45 -6.72 -15.43
CA MET A 4 -6.01 -6.29 -15.44
C MET A 4 -5.92 -4.80 -15.67
N ARG A 5 -5.31 -4.10 -14.71
CA ARG A 5 -5.16 -2.66 -14.84
C ARG A 5 -4.24 -2.28 -16.00
N PRO A 6 -4.66 -1.27 -16.76
CA PRO A 6 -3.90 -0.84 -17.92
C PRO A 6 -2.57 -0.22 -17.53
N LEU A 7 -1.56 -0.43 -18.38
CA LEU A 7 -0.25 0.19 -18.22
C LEU A 7 -0.33 1.70 -18.44
N PRO A 8 0.56 2.46 -17.77
CA PRO A 8 0.53 3.93 -17.82
C PRO A 8 0.83 4.48 -19.20
N ALA A 9 0.19 5.57 -19.58
CA ALA A 9 0.59 6.32 -20.76
C ALA A 9 1.46 7.49 -20.33
N GLY A 10 2.33 7.94 -21.24
CA GLY A 10 3.11 9.13 -20.99
C GLY A 10 4.41 8.95 -20.24
N LEU A 11 4.81 7.70 -19.99
CA LEU A 11 6.09 7.44 -19.33
C LEU A 11 7.27 7.71 -20.26
N THR A 12 8.35 8.27 -19.73
CA THR A 12 9.61 8.36 -20.47
C THR A 12 10.21 6.97 -20.63
N ALA A 13 11.16 6.81 -21.54
CA ALA A 13 11.85 5.52 -21.72
C ALA A 13 12.51 5.03 -20.44
N SER A 14 13.05 5.96 -19.66
CA SER A 14 13.64 5.60 -18.37
C SER A 14 12.58 5.09 -17.39
N GLN A 15 11.42 5.75 -17.36
CA GLN A 15 10.32 5.33 -16.47
C GLN A 15 9.76 4.00 -16.93
N GLN A 16 9.62 3.83 -18.24
CA GLN A 16 9.19 2.54 -18.81
C GLN A 16 10.14 1.43 -18.41
N TRP A 17 11.44 1.71 -18.50
CA TRP A 17 12.44 0.72 -18.12
C TRP A 17 12.38 0.39 -16.63
N THR A 18 12.24 1.41 -15.79
CA THR A 18 12.09 1.19 -14.36
C THR A 18 10.91 0.27 -14.04
N LEU A 19 9.78 0.54 -14.67
CA LEU A 19 8.59 -0.27 -14.43
C LEU A 19 8.81 -1.70 -14.91
N LEU A 20 9.40 -1.86 -16.10
CA LEU A 20 9.77 -3.18 -16.58
C LEU A 20 10.69 -3.91 -15.58
N GLU A 21 11.75 -3.25 -15.12
CA GLU A 21 12.63 -3.84 -14.12
C GLU A 21 11.86 -4.24 -12.86
N TRP A 22 10.97 -3.37 -12.40
CA TRP A 22 10.22 -3.66 -11.17
C TRP A 22 9.35 -4.90 -11.34
N ILE A 23 8.58 -4.98 -12.43
CA ILE A 23 7.70 -6.13 -12.58
C ILE A 23 8.49 -7.41 -12.85
N HIS A 24 9.60 -7.28 -13.58
CA HIS A 24 10.45 -8.42 -13.83
C HIS A 24 11.01 -8.93 -12.53
N MET A 25 11.56 -8.03 -11.70
CA MET A 25 12.09 -8.39 -10.39
C MET A 25 11.01 -8.99 -9.49
N ALA A 26 9.83 -8.38 -9.49
CA ALA A 26 8.76 -8.87 -8.61
C ALA A 26 8.43 -10.32 -8.90
N GLY A 27 8.43 -10.69 -10.18
CA GLY A 27 8.15 -12.06 -10.57
C GLY A 27 9.14 -13.11 -10.14
N HIS A 28 10.29 -12.66 -9.62
CA HIS A 28 11.35 -13.57 -9.15
C HIS A 28 11.40 -13.65 -7.63
N ILE A 29 10.57 -12.87 -6.96
CA ILE A 29 10.56 -12.86 -5.50
C ILE A 29 9.92 -14.11 -4.93
N GLU A 30 10.65 -14.77 -4.02
CA GLU A 30 10.21 -16.01 -3.42
C GLU A 30 10.18 -15.95 -1.89
N THR A 31 11.04 -15.12 -1.31
CA THR A 31 11.19 -15.04 0.15
C THR A 31 10.89 -13.66 0.72
N GLU A 32 10.60 -13.60 2.01
CA GLU A 32 10.33 -12.33 2.71
C GLU A 32 11.52 -11.38 2.64
N ASN A 33 12.73 -11.92 2.79
CA ASN A 33 13.96 -11.13 2.68
C ASN A 33 14.08 -10.46 1.30
N GLU A 34 13.81 -11.25 0.26
CA GLU A 34 13.82 -10.77 -1.13
C GLU A 34 12.75 -9.68 -1.34
N LEU A 35 11.58 -9.90 -0.75
CA LEU A 35 10.49 -8.95 -0.87
C LEU A 35 10.81 -7.61 -0.19
N LYS A 36 11.33 -7.66 1.05
CA LYS A 36 11.76 -6.43 1.74
C LYS A 36 12.85 -5.69 0.98
N ALA A 37 13.86 -6.43 0.53
CA ALA A 37 14.98 -5.85 -0.23
C ALA A 37 14.45 -5.16 -1.49
N PHE A 38 13.52 -5.82 -2.17
CA PHE A 38 12.96 -5.22 -3.38
C PHE A 38 12.18 -3.95 -3.06
N LEU A 39 11.36 -3.98 -2.00
CA LEU A 39 10.58 -2.81 -1.60
C LEU A 39 11.47 -1.63 -1.17
N ASP A 40 12.62 -1.95 -0.58
CA ASP A 40 13.65 -0.95 -0.25
C ASP A 40 14.07 -0.20 -1.52
N GLN A 41 14.29 -0.96 -2.60
CA GLN A 41 14.73 -0.40 -3.87
C GLN A 41 13.67 0.46 -4.54
N VAL A 42 12.42 -0.01 -4.51
CA VAL A 42 11.29 0.75 -5.01
C VAL A 42 11.17 2.08 -4.23
N LEU A 43 11.26 2.01 -2.92
CA LEU A 43 11.10 3.20 -2.07
C LEU A 43 12.17 4.24 -2.34
N SER A 44 13.38 3.78 -2.66
CA SER A 44 14.49 4.68 -3.04
C SER A 44 14.20 5.51 -4.30
N GLN A 45 13.15 5.13 -5.03
CA GLN A 45 12.74 5.86 -6.24
C GLN A 45 11.51 6.76 -6.04
N ALA A 46 11.02 6.83 -4.81
CA ALA A 46 9.80 7.57 -4.49
C ALA A 46 10.09 8.68 -3.47
N PRO A 47 9.37 9.82 -3.54
CA PRO A 47 9.57 10.90 -2.57
C PRO A 47 8.87 10.64 -1.24
N SER A 48 9.32 9.57 -0.58
CA SER A 48 8.83 9.18 0.72
C SER A 48 9.88 8.32 1.39
N GLU A 49 9.79 8.19 2.69
CA GLU A 49 10.67 7.28 3.42
C GLU A 49 9.85 6.22 4.14
N ARG A 50 8.53 6.20 3.92
CA ARG A 50 7.63 5.34 4.71
C ARG A 50 6.72 4.44 3.90
N LEU A 51 7.03 3.15 3.92
CA LEU A 51 6.31 2.17 3.08
C LEU A 51 5.95 0.94 3.88
N LEU A 52 4.76 0.41 3.61
CA LEU A 52 4.31 -0.84 4.23
C LEU A 52 3.50 -1.65 3.23
N LEU A 53 3.68 -2.97 3.25
CA LEU A 53 2.86 -3.89 2.43
C LEU A 53 2.13 -4.82 3.39
N ALA A 54 0.85 -5.07 3.14
CA ALA A 54 0.11 -6.04 3.94
C ALA A 54 -0.72 -6.95 3.07
N LEU A 55 -0.85 -8.20 3.52
CA LEU A 55 -1.65 -9.20 2.84
C LEU A 55 -2.81 -9.56 3.77
N GLY A 56 -4.02 -9.61 3.24
CA GLY A 56 -5.18 -9.88 4.08
C GLY A 56 -6.21 -10.81 3.41
N ARG A 57 -6.99 -11.48 4.24
CA ARG A 57 -8.13 -12.26 3.79
C ARG A 57 -9.29 -11.29 3.67
N LEU A 58 -10.11 -11.48 2.63
CA LEU A 58 -11.11 -10.46 2.30
C LEU A 58 -12.53 -10.94 2.54
N ASN A 59 -13.43 -9.99 2.80
CA ASN A 59 -14.86 -10.30 2.81
C ASN A 59 -15.40 -10.31 1.38
N ASN A 60 -16.72 -10.44 1.22
CA ASN A 60 -17.30 -10.55 -0.13
C ASN A 60 -17.30 -9.26 -0.92
N GLN A 61 -16.92 -8.17 -0.27
CA GLN A 61 -16.78 -6.87 -0.94
C GLN A 61 -15.33 -6.45 -1.07
N ASN A 62 -14.43 -7.43 -0.97
CA ASN A 62 -13.00 -7.21 -1.16
C ASN A 62 -12.36 -6.29 -0.12
N GLN A 63 -12.96 -6.21 1.06
CA GLN A 63 -12.33 -5.50 2.17
C GLN A 63 -11.59 -6.47 3.07
N ILE A 64 -10.47 -6.03 3.63
CA ILE A 64 -9.71 -6.89 4.55
C ILE A 64 -10.55 -7.23 5.77
N GLN A 65 -10.74 -8.53 6.03
CA GLN A 65 -11.41 -8.96 7.27
C GLN A 65 -10.40 -9.52 8.29
N ARG A 66 -9.24 -9.92 7.78
CA ARG A 66 -8.16 -10.38 8.65
C ARG A 66 -6.82 -10.09 8.01
N LEU A 67 -5.91 -9.47 8.75
CA LEU A 67 -4.54 -9.30 8.28
C LEU A 67 -3.77 -10.60 8.44
N GLU A 68 -3.19 -11.08 7.34
CA GLU A 68 -2.45 -12.34 7.32
C GLU A 68 -0.96 -12.10 7.53
N ARG A 69 -0.43 -11.08 6.88
CA ARG A 69 1.00 -10.78 6.92
C ARG A 69 1.18 -9.29 6.78
N VAL A 70 2.02 -8.71 7.62
CA VAL A 70 2.41 -7.32 7.47
C VAL A 70 3.90 -7.29 7.24
N LEU A 71 4.30 -6.66 6.14
CA LEU A 71 5.72 -6.42 5.90
C LEU A 71 6.00 -4.93 6.01
N ASN A 72 6.48 -4.54 7.18
CA ASN A 72 6.85 -3.16 7.40
C ASN A 72 8.21 -2.92 6.79
N VAL A 73 8.25 -2.04 5.81
CA VAL A 73 9.52 -1.70 5.21
C VAL A 73 10.11 -0.54 5.98
N SER A 74 9.31 0.51 6.20
CA SER A 74 9.84 1.71 6.86
C SER A 74 8.84 2.62 7.58
N TYR A 75 7.66 2.11 7.93
CA TYR A 75 6.81 2.83 8.89
C TYR A 75 7.56 2.90 10.22
N PRO A 76 7.45 4.04 10.93
CA PRO A 76 8.05 4.12 12.27
C PRO A 76 7.54 3.02 13.18
N SER A 77 8.47 2.28 13.81
CA SER A 77 8.09 1.17 14.70
C SER A 77 7.19 1.62 15.85
N ASP A 78 7.44 2.82 16.38
CA ASP A 78 6.62 3.39 17.43
C ASP A 78 5.19 3.65 16.96
N TRP A 79 5.02 4.08 15.71
CA TRP A 79 3.68 4.25 15.14
C TRP A 79 2.95 2.89 15.03
N LEU A 80 3.67 1.87 14.59
CA LEU A 80 3.07 0.54 14.47
C LEU A 80 2.73 -0.06 15.84
N ASP A 81 3.61 0.15 16.82
CA ASP A 81 3.35 -0.25 18.19
C ASP A 81 2.09 0.41 18.74
N GLN A 82 1.92 1.70 18.46
CA GLN A 82 0.73 2.41 18.88
C GLN A 82 -0.53 1.89 18.16
N TYR A 83 -0.38 1.65 16.86
CA TYR A 83 -1.48 1.20 16.02
C TYR A 83 -2.05 -0.12 16.55
N MET A 84 -1.14 -1.01 16.93
CA MET A 84 -1.51 -2.29 17.54
C MET A 84 -2.14 -2.12 18.93
N LYS A 85 -1.45 -1.37 19.80
CA LYS A 85 -1.91 -1.18 21.19
C LYS A 85 -3.28 -0.52 21.29
N GLU A 86 -3.52 0.46 20.41
CA GLU A 86 -4.72 1.29 20.46
C GLU A 86 -5.85 0.80 19.55
N ASN A 87 -5.67 -0.37 18.93
CA ASN A 87 -6.76 -0.98 18.18
C ASN A 87 -7.13 -0.17 16.92
N TYR A 88 -6.14 0.49 16.31
CA TYR A 88 -6.42 1.38 15.19
C TYR A 88 -6.93 0.66 13.96
N ALA A 89 -6.66 -0.63 13.85
CA ALA A 89 -7.14 -1.41 12.70
C ALA A 89 -8.65 -1.28 12.56
N GLN A 90 -9.33 -1.10 13.69
CA GLN A 90 -10.78 -1.02 13.67
C GLN A 90 -11.29 0.36 13.26
N HIS A 91 -10.41 1.37 13.29
CA HIS A 91 -10.81 2.76 13.05
C HIS A 91 -10.18 3.41 11.82
N ASP A 92 -9.15 2.77 11.27
CA ASP A 92 -8.37 3.35 10.19
C ASP A 92 -9.17 3.22 8.88
N PRO A 93 -9.59 4.35 8.29
CA PRO A 93 -10.36 4.31 7.05
C PRO A 93 -9.64 3.55 5.92
N ILE A 94 -8.32 3.54 5.95
CA ILE A 94 -7.56 2.90 4.87
C ILE A 94 -7.76 1.38 4.87
N LEU A 95 -7.99 0.80 6.05
CA LEU A 95 -8.26 -0.64 6.13
C LEU A 95 -9.70 -1.00 5.72
N ARG A 96 -10.53 0.00 5.42
CA ARG A 96 -11.88 -0.22 4.94
C ARG A 96 -12.00 -0.11 3.40
N ILE A 97 -10.86 0.13 2.74
CA ILE A 97 -10.87 0.21 1.28
C ILE A 97 -11.34 -1.10 0.66
N HIS A 98 -12.06 -0.98 -0.45
CA HIS A 98 -12.39 -2.12 -1.29
C HIS A 98 -11.19 -2.39 -2.21
N LEU A 99 -10.45 -3.44 -1.88
CA LEU A 99 -9.20 -3.70 -2.61
C LEU A 99 -9.45 -3.97 -4.07
N GLY A 100 -8.58 -3.44 -4.91
CA GLY A 100 -8.69 -3.62 -6.37
C GLY A 100 -9.50 -2.54 -7.07
N GLN A 101 -9.96 -1.52 -6.32
CA GLN A 101 -10.85 -0.49 -6.89
C GLN A 101 -10.15 0.83 -7.26
N GLY A 102 -8.81 0.84 -7.23
CA GLY A 102 -7.99 2.00 -7.64
C GLY A 102 -7.21 2.63 -6.46
N PRO A 103 -6.14 3.42 -6.73
CA PRO A 103 -5.35 4.03 -5.63
C PRO A 103 -6.21 4.94 -4.80
N VAL A 104 -5.96 4.95 -3.50
CA VAL A 104 -6.74 5.78 -2.57
C VAL A 104 -5.81 6.80 -1.92
N MET A 105 -6.13 8.09 -2.09
CA MET A 105 -5.38 9.18 -1.47
C MET A 105 -5.93 9.38 -0.08
N TRP A 106 -5.05 9.38 0.92
CA TRP A 106 -5.50 9.36 2.31
C TRP A 106 -6.23 10.65 2.68
N GLU A 107 -5.70 11.78 2.25
CA GLU A 107 -6.28 13.08 2.61
C GLU A 107 -7.74 13.14 2.15
N GLU A 108 -7.97 12.70 0.91
CA GLU A 108 -9.32 12.63 0.34
C GLU A 108 -10.22 11.76 1.21
N ARG A 109 -9.73 10.57 1.57
CA ARG A 109 -10.50 9.63 2.36
C ARG A 109 -10.74 10.16 3.78
N PHE A 110 -9.70 10.77 4.36
CA PHE A 110 -9.78 11.28 5.73
C PHE A 110 -10.77 12.44 5.85
N ASN A 111 -10.80 13.30 4.83
CA ASN A 111 -11.72 14.44 4.81
C ASN A 111 -13.19 14.03 4.84
N ARG A 112 -13.46 12.81 4.36
CA ARG A 112 -14.82 12.27 4.26
C ARG A 112 -15.24 11.47 5.49
N ALA A 113 -14.35 11.34 6.46
CA ALA A 113 -14.66 10.57 7.67
C ALA A 113 -15.52 11.36 8.66
N LYS A 114 -16.58 10.71 9.16
CA LYS A 114 -17.56 11.34 10.03
C LYS A 114 -17.59 10.78 11.45
N GLY A 115 -17.19 9.51 11.60
CA GLY A 115 -17.22 8.83 12.90
C GLY A 115 -16.25 9.43 13.90
N ALA A 116 -16.65 9.45 15.17
CA ALA A 116 -15.84 10.03 16.25
C ALA A 116 -14.50 9.32 16.42
N GLU A 117 -14.52 7.99 16.39
CA GLU A 117 -13.30 7.19 16.58
C GLU A 117 -12.39 7.31 15.36
N GLU A 118 -13.00 7.40 14.18
CA GLU A 118 -12.27 7.64 12.93
C GLU A 118 -11.52 8.97 12.99
N LYS A 119 -12.21 10.03 13.42
CA LYS A 119 -11.61 11.36 13.51
C LYS A 119 -10.46 11.38 14.52
N ARG A 120 -10.65 10.69 15.63
CA ARG A 120 -9.61 10.51 16.65
C ARG A 120 -8.36 9.85 16.03
N PHE A 121 -8.56 8.75 15.33
CA PHE A 121 -7.47 8.11 14.62
C PHE A 121 -6.74 9.06 13.65
N ILE A 122 -7.53 9.78 12.85
CA ILE A 122 -6.98 10.70 11.86
C ILE A 122 -6.12 11.78 12.52
N ALA A 123 -6.61 12.32 13.64
CA ALA A 123 -5.86 13.33 14.37
C ALA A 123 -4.51 12.79 14.85
N GLU A 124 -4.53 11.57 15.38
CA GLU A 124 -3.31 10.92 15.85
C GLU A 124 -2.35 10.56 14.70
N ALA A 125 -2.91 10.02 13.62
CA ALA A 125 -2.10 9.71 12.46
C ALA A 125 -1.40 10.98 11.96
N THR A 126 -2.17 12.07 11.89
CA THR A 126 -1.67 13.37 11.47
C THR A 126 -0.49 13.84 12.32
N GLN A 127 -0.63 13.76 13.64
CA GLN A 127 0.47 14.10 14.56
C GLN A 127 1.71 13.24 14.35
N ASN A 128 1.50 12.02 13.84
CA ASN A 128 2.61 11.11 13.61
C ASN A 128 3.17 11.12 12.19
N GLY A 129 2.81 12.13 11.42
CA GLY A 129 3.32 12.32 10.07
C GLY A 129 2.65 11.43 9.05
N MET A 130 1.49 10.90 9.41
CA MET A 130 0.75 9.93 8.59
C MET A 130 -0.60 10.49 8.13
N GLY A 131 -0.70 11.82 8.02
CA GLY A 131 -1.94 12.45 7.62
C GLY A 131 -2.15 12.43 6.11
N SER A 132 -1.08 12.22 5.36
CA SER A 132 -1.09 12.20 3.90
C SER A 132 -0.39 10.96 3.39
N GLY A 133 -0.92 10.41 2.31
CA GLY A 133 -0.28 9.26 1.69
C GLY A 133 -1.18 8.64 0.67
N ILE A 134 -0.77 7.45 0.21
CA ILE A 134 -1.51 6.75 -0.83
C ILE A 134 -1.48 5.24 -0.58
N THR A 135 -2.58 4.58 -0.87
CA THR A 135 -2.64 3.11 -0.77
C THR A 135 -3.10 2.48 -2.08
N PHE A 136 -2.27 1.62 -2.62
CA PHE A 136 -2.55 0.85 -3.83
C PHE A 136 -3.00 -0.51 -3.36
N SER A 137 -3.75 -1.21 -4.21
CA SER A 137 -4.26 -2.52 -3.80
C SER A 137 -4.52 -3.45 -4.96
N ALA A 138 -4.53 -4.74 -4.64
CA ALA A 138 -4.89 -5.78 -5.59
C ALA A 138 -5.60 -6.88 -4.85
N ALA A 139 -6.50 -7.58 -5.54
CA ALA A 139 -7.25 -8.68 -4.93
C ALA A 139 -7.32 -9.87 -5.86
N SER A 140 -7.26 -11.06 -5.28
CA SER A 140 -7.41 -12.34 -5.97
C SER A 140 -8.64 -13.01 -5.39
N GLU A 141 -9.64 -13.32 -6.22
CA GLU A 141 -10.80 -14.04 -5.68
C GLU A 141 -10.64 -15.57 -5.73
N ARG A 142 -9.47 -16.03 -6.22
CA ARG A 142 -9.10 -17.45 -6.16
C ARG A 142 -9.29 -17.94 -4.73
N ASN A 143 -8.82 -17.16 -3.77
CA ASN A 143 -9.13 -17.42 -2.38
C ASN A 143 -9.31 -16.16 -1.53
N ASN A 144 -10.10 -15.21 -2.04
CA ASN A 144 -10.45 -13.98 -1.32
C ASN A 144 -9.25 -13.46 -0.53
N ILE A 145 -8.20 -13.13 -1.26
CA ILE A 145 -7.00 -12.62 -0.64
C ILE A 145 -6.54 -11.39 -1.41
N GLY A 146 -6.04 -10.40 -0.67
CA GLY A 146 -5.63 -9.16 -1.32
C GLY A 146 -4.46 -8.53 -0.61
N SER A 147 -3.80 -7.61 -1.30
CA SER A 147 -2.69 -6.87 -0.71
C SER A 147 -2.90 -5.38 -0.82
N ILE A 148 -2.39 -4.69 0.17
CA ILE A 148 -2.27 -3.23 0.12
C ILE A 148 -0.80 -2.80 0.14
N LEU A 149 -0.48 -1.78 -0.65
CA LEU A 149 0.83 -1.13 -0.58
C LEU A 149 0.58 0.31 -0.19
N SER A 150 1.09 0.70 0.96
CA SER A 150 0.88 2.04 1.51
C SER A 150 2.17 2.80 1.50
N ILE A 151 2.09 4.04 1.03
CA ILE A 151 3.24 4.94 1.08
C ILE A 151 2.80 6.27 1.70
N ALA A 152 3.52 6.68 2.75
CA ALA A 152 3.14 7.91 3.47
C ALA A 152 3.82 9.13 2.86
N GLY A 153 3.14 10.26 2.90
CA GLY A 153 3.70 11.51 2.37
C GLY A 153 2.81 12.14 1.31
N ARG A 154 3.01 13.43 1.05
CA ARG A 154 2.24 14.18 0.05
C ARG A 154 2.84 14.12 -1.33
N GLU A 155 4.15 13.96 -1.40
CA GLU A 155 4.88 14.03 -2.65
C GLU A 155 4.60 12.88 -3.64
N PRO A 156 4.46 11.62 -3.16
CA PRO A 156 4.18 10.56 -4.14
C PRO A 156 2.91 10.81 -4.97
N GLY A 157 1.84 11.22 -4.30
CA GLY A 157 0.55 11.45 -4.94
C GLY A 157 0.56 12.54 -6.00
N ARG A 158 1.55 13.42 -5.94
CA ARG A 158 1.67 14.56 -6.86
C ARG A 158 2.43 14.21 -8.15
N ASN A 159 3.03 13.03 -8.15
CA ASN A 159 3.81 12.55 -9.28
C ASN A 159 2.97 11.52 -10.03
N ALA A 160 2.24 11.96 -11.04
CA ALA A 160 1.30 11.13 -11.75
C ALA A 160 1.96 9.87 -12.32
N ALA A 161 3.18 10.03 -12.84
CA ALA A 161 3.92 8.89 -13.43
C ALA A 161 4.21 7.83 -12.36
N LEU A 162 4.73 8.26 -11.22
CA LEU A 162 5.07 7.35 -10.12
C LEU A 162 3.83 6.63 -9.62
N VAL A 163 2.76 7.38 -9.41
CA VAL A 163 1.49 6.79 -8.99
C VAL A 163 1.09 5.67 -9.95
N ALA A 164 1.15 5.94 -11.25
CA ALA A 164 0.71 4.96 -12.24
C ALA A 164 1.63 3.74 -12.25
N MET A 165 2.93 3.99 -12.10
CA MET A 165 3.92 2.92 -12.05
C MET A 165 3.72 2.02 -10.82
N LEU A 166 3.61 2.63 -9.64
CA LEU A 166 3.35 1.85 -8.44
C LEU A 166 2.03 1.09 -8.48
N ASN A 167 1.00 1.73 -9.05
CA ASN A 167 -0.29 1.09 -9.21
C ASN A 167 -0.15 -0.18 -10.06
N CYS A 168 0.58 -0.07 -11.17
CA CYS A 168 0.78 -1.22 -12.04
C CYS A 168 1.66 -2.31 -11.41
N LEU A 169 2.61 -1.90 -10.59
CA LEU A 169 3.46 -2.85 -9.87
C LEU A 169 2.68 -3.66 -8.82
N THR A 170 1.65 -3.06 -8.25
CA THR A 170 0.97 -3.64 -7.09
C THR A 170 0.44 -5.09 -7.29
N PRO A 171 -0.23 -5.38 -8.43
CA PRO A 171 -0.69 -6.79 -8.61
C PRO A 171 0.45 -7.79 -8.58
N HIS A 172 1.64 -7.37 -9.01
CA HIS A 172 2.81 -8.25 -9.02
C HIS A 172 3.40 -8.39 -7.65
N LEU A 173 3.36 -7.30 -6.87
CA LEU A 173 3.71 -7.38 -5.44
C LEU A 173 2.76 -8.32 -4.70
N HIS A 174 1.48 -8.27 -5.06
CA HIS A 174 0.48 -9.15 -4.51
C HIS A 174 0.82 -10.61 -4.78
N GLN A 175 1.13 -10.94 -6.03
CA GLN A 175 1.47 -12.34 -6.32
C GLN A 175 2.72 -12.74 -5.54
N ALA A 176 3.68 -11.82 -5.43
CA ALA A 176 4.90 -12.14 -4.68
C ALA A 176 4.57 -12.38 -3.21
N ALA A 177 3.70 -11.55 -2.63
CA ALA A 177 3.34 -11.68 -1.21
C ALA A 177 2.68 -13.02 -0.97
N ILE A 178 1.83 -13.46 -1.89
CA ILE A 178 1.17 -14.77 -1.77
C ILE A 178 2.24 -15.86 -1.78
N ARG A 179 3.18 -15.79 -2.72
CA ARG A 179 4.26 -16.79 -2.75
C ARG A 179 5.05 -16.83 -1.44
N VAL A 180 5.39 -15.66 -0.91
CA VAL A 180 6.16 -15.52 0.35
C VAL A 180 5.39 -16.10 1.54
N ALA A 181 4.09 -15.84 1.60
CA ALA A 181 3.24 -16.30 2.70
C ALA A 181 3.08 -17.81 2.67
#